data_3KXA
#
_entry.id   3KXA
#
_cell.length_a   124.823
_cell.length_b   124.823
_cell.length_c   137.577
_cell.angle_alpha   90.00
_cell.angle_beta   90.00
_cell.angle_gamma   120.00
#
_symmetry.space_group_name_H-M   'H 3'
#
loop_
_entity.id
_entity.type
_entity.pdbx_description
1 polymer 'Putative uncharacterized protein'
2 non-polymer ASPARAGINE
3 non-polymer 'CHLORIDE ION'
4 non-polymer 'UNKNOWN ATOM OR ION'
5 water water
#
_entity_poly.entity_id   1
_entity_poly.type   'polypeptide(L)'
_entity_poly.pdbx_seq_one_letter_code
;(MSE)AHHHHHHIPVTHIKCLRINGQIKCVKPISPNTTPAAEHIEHVRKNPRRKAA(MSE)DRAAARIADKIALKAGGET
FVSLR(MSE)KKGFTQSELATAAGLPQPYLSRIENSKQSLQDKTVQKLANALGVSPLEVRAAFERRYEY(MSE)EQA
;
_entity_poly.pdbx_strand_id   A,B,C,D
#
loop_
_chem_comp.id
_chem_comp.type
_chem_comp.name
_chem_comp.formula
CL non-polymer 'CHLORIDE ION' 'Cl -1'
UNX non-polymer 'UNKNOWN ATOM OR ION' ?
#
# COMPACT_ATOMS: atom_id res chain seq x y z
N ILE A 9 13.93 -21.58 3.67
CA ILE A 9 12.55 -21.03 3.84
C ILE A 9 12.25 -20.88 5.34
N PRO A 10 12.55 -19.68 5.92
CA PRO A 10 12.54 -19.43 7.38
C PRO A 10 11.41 -18.54 7.94
N VAL A 11 11.38 -18.41 9.28
CA VAL A 11 10.51 -17.45 10.00
C VAL A 11 11.26 -16.79 11.17
N THR A 12 11.17 -15.46 11.29
CA THR A 12 11.77 -14.71 12.41
C THR A 12 10.86 -13.62 12.95
N HIS A 13 10.92 -13.38 14.26
CA HIS A 13 9.98 -12.48 14.93
C HIS A 13 10.57 -11.10 15.17
N ILE A 14 9.86 -10.08 14.72
CA ILE A 14 10.29 -8.68 14.89
C ILE A 14 9.31 -7.85 15.73
N LYS A 15 9.87 -6.99 16.59
CA LYS A 15 9.07 -6.08 17.40
C LYS A 15 8.63 -4.89 16.55
N CYS A 16 7.33 -4.62 16.57
CA CYS A 16 6.77 -3.48 15.85
C CYS A 16 5.94 -2.57 16.77
N LEU A 17 5.89 -1.29 16.40
CA LEU A 17 5.12 -0.30 17.12
C LEU A 17 3.75 -0.13 16.48
N ARG A 18 2.70 -0.40 17.27
CA ARG A 18 1.34 -0.04 16.89
C ARG A 18 0.89 1.22 17.65
N ILE A 19 0.63 2.28 16.91
CA ILE A 19 0.32 3.57 17.48
C ILE A 19 -0.92 4.16 16.82
N ASN A 20 -2.08 3.88 17.42
CA ASN A 20 -3.37 4.41 16.99
C ASN A 20 -3.71 4.09 15.53
N GLY A 21 -4.01 2.81 15.28
CA GLY A 21 -4.46 2.34 13.98
C GLY A 21 -3.42 2.42 12.88
N GLN A 22 -2.15 2.34 13.26
CA GLN A 22 -1.04 2.49 12.32
C GLN A 22 0.16 1.69 12.82
N ILE A 23 0.75 0.89 11.94
CA ILE A 23 1.91 0.09 12.32
C ILE A 23 3.22 0.66 11.78
N LYS A 24 4.21 0.77 12.68
CA LYS A 24 5.54 1.28 12.37
C LYS A 24 6.55 0.20 12.75
N CYS A 25 7.13 -0.46 11.75
CA CYS A 25 8.06 -1.56 11.99
C CYS A 25 9.49 -1.13 11.70
N VAL A 26 9.62 -0.27 10.71
CA VAL A 26 10.88 0.24 10.25
C VAL A 26 11.35 1.36 11.18
N LYS A 27 12.58 1.26 11.69
CA LYS A 27 13.18 2.36 12.43
C LYS A 27 14.32 2.99 11.62
N PRO A 28 14.01 3.98 10.76
CA PRO A 28 15.09 4.64 10.02
C PRO A 28 15.97 5.42 10.98
N ILE A 29 17.26 5.10 10.96
CA ILE A 29 18.26 5.76 11.80
C ILE A 29 18.54 7.22 11.42
N SER A 30 18.53 8.09 12.42
CA SER A 30 18.29 9.54 12.22
C SER A 30 19.43 10.50 12.60
N PRO A 31 20.49 10.57 11.76
CA PRO A 31 21.57 11.54 12.01
C PRO A 31 21.48 12.70 11.01
N ASN A 32 20.55 13.61 11.26
CA ASN A 32 20.24 14.71 10.32
C ASN A 32 21.49 15.35 9.71
N THR A 33 22.46 15.62 10.58
CA THR A 33 23.69 16.28 10.17
C THR A 33 24.62 15.33 9.41
N THR A 34 24.50 15.39 8.09
CA THR A 34 25.47 14.77 7.18
C THR A 34 26.28 15.86 6.47
N PRO A 35 27.55 15.56 6.11
CA PRO A 35 28.48 16.57 5.54
C PRO A 35 27.95 17.36 4.33
N ALA A 36 27.33 16.68 3.37
CA ALA A 36 26.73 17.35 2.22
C ALA A 36 25.65 18.33 2.67
N ALA A 37 24.77 17.88 3.57
CA ALA A 37 23.75 18.75 4.13
C ALA A 37 24.39 19.89 4.90
N GLU A 38 25.32 19.55 5.79
CA GLU A 38 26.10 20.53 6.53
C GLU A 38 26.72 21.60 5.61
N HIS A 39 27.22 21.18 4.45
CA HIS A 39 27.91 22.05 3.51
C HIS A 39 27.01 23.12 2.88
N ILE A 40 25.94 22.69 2.23
CA ILE A 40 24.95 23.59 1.61
C ILE A 40 24.37 24.55 2.65
N GLU A 41 24.09 24.03 3.84
CA GLU A 41 23.62 24.87 4.92
C GLU A 41 24.60 26.04 5.16
N HIS A 42 25.90 25.74 5.26
CA HIS A 42 26.90 26.79 5.49
C HIS A 42 27.01 27.74 4.31
N VAL A 43 26.92 27.20 3.10
CA VAL A 43 26.91 28.00 1.88
C VAL A 43 25.74 29.00 1.83
N ARG A 44 24.56 28.54 2.25
CA ARG A 44 23.36 29.37 2.26
C ARG A 44 23.31 30.36 3.43
N LYS A 45 24.26 30.26 4.34
CA LYS A 45 24.34 31.19 5.47
C LYS A 45 24.80 32.59 5.02
N ASN A 46 25.50 32.64 3.90
CA ASN A 46 25.77 33.90 3.24
C ASN A 46 24.55 34.29 2.39
N PRO A 47 24.01 35.50 2.62
CA PRO A 47 22.80 35.93 1.90
C PRO A 47 23.07 36.15 0.42
N ARG A 48 24.31 36.49 0.10
CA ARG A 48 24.69 36.79 -1.27
C ARG A 48 24.77 35.50 -2.08
N ARG A 49 25.32 34.46 -1.46
CA ARG A 49 25.34 33.11 -2.04
C ARG A 49 23.91 32.55 -2.17
N LYS A 50 23.13 32.68 -1.10
CA LYS A 50 21.78 32.15 -1.06
C LYS A 50 20.95 32.67 -2.22
N ALA A 51 21.05 33.97 -2.45
CA ALA A 51 20.37 34.62 -3.56
C ALA A 51 20.79 34.02 -4.91
N ALA A 52 22.10 33.97 -5.16
CA ALA A 52 22.60 33.43 -6.42
C ALA A 52 21.93 32.09 -6.70
N MSE A 53 21.92 31.21 -5.68
CA MSE A 53 21.31 29.89 -5.76
C MSE A 53 19.81 29.99 -6.03
O MSE A 53 19.27 29.30 -6.90
CB MSE A 53 21.53 29.10 -4.48
CG MSE A 53 22.89 28.43 -4.33
SE MSE A 53 22.97 27.20 -2.79
CE MSE A 53 21.71 25.86 -3.45
N ASP A 54 19.15 30.88 -5.27
CA ASP A 54 17.71 31.11 -5.38
C ASP A 54 17.27 31.49 -6.80
N ARG A 55 17.98 32.43 -7.41
CA ARG A 55 17.69 32.85 -8.78
C ARG A 55 17.86 31.71 -9.78
N ALA A 56 18.88 30.87 -9.56
CA ALA A 56 19.07 29.67 -10.37
C ALA A 56 17.88 28.70 -10.18
N ALA A 57 17.48 28.47 -8.93
CA ALA A 57 16.36 27.59 -8.62
C ALA A 57 15.08 28.05 -9.34
N ALA A 58 14.85 29.36 -9.36
CA ALA A 58 13.65 29.95 -9.97
C ALA A 58 13.63 29.69 -11.46
N ARG A 59 14.77 29.94 -12.09
CA ARG A 59 14.94 29.70 -13.52
C ARG A 59 14.67 28.24 -13.86
N ILE A 60 15.20 27.32 -13.05
CA ILE A 60 14.98 25.89 -13.24
C ILE A 60 13.52 25.52 -12.97
N ALA A 61 12.91 26.19 -11.98
CA ALA A 61 11.51 25.93 -11.67
C ALA A 61 10.59 26.26 -12.84
N ASP A 62 10.95 27.27 -13.64
CA ASP A 62 10.21 27.66 -14.86
C ASP A 62 10.21 26.53 -15.88
N LYS A 63 11.40 25.96 -16.10
CA LYS A 63 11.57 24.84 -17.00
C LYS A 63 10.76 23.62 -16.52
N ILE A 64 10.64 23.47 -15.20
CA ILE A 64 9.84 22.40 -14.61
C ILE A 64 8.34 22.64 -14.84
N ALA A 65 7.87 23.86 -14.57
CA ALA A 65 6.45 24.19 -14.73
C ALA A 65 5.95 24.02 -16.15
N LEU A 66 6.74 24.50 -17.11
CA LEU A 66 6.41 24.44 -18.54
C LEU A 66 6.42 23.01 -19.03
N LYS A 67 7.43 22.25 -18.59
CA LYS A 67 7.58 20.86 -18.97
C LYS A 67 6.43 20.01 -18.43
N ALA A 68 5.93 20.35 -17.24
CA ALA A 68 5.07 19.44 -16.48
C ALA A 68 3.58 19.75 -16.53
N GLY A 69 3.19 20.84 -17.19
CA GLY A 69 1.77 21.19 -17.27
C GLY A 69 1.42 22.45 -16.49
N GLY A 70 2.13 22.69 -15.41
CA GLY A 70 1.92 23.85 -14.55
C GLY A 70 2.78 23.70 -13.31
N GLU A 71 2.53 24.53 -12.30
CA GLU A 71 3.31 24.47 -11.07
C GLU A 71 3.17 23.10 -10.45
N THR A 72 4.31 22.46 -10.20
CA THR A 72 4.35 21.21 -9.45
C THR A 72 4.76 21.56 -8.02
N PHE A 73 4.73 20.57 -7.13
CA PHE A 73 5.11 20.80 -5.75
C PHE A 73 6.57 21.22 -5.60
N VAL A 74 7.44 20.56 -6.34
CA VAL A 74 8.85 20.88 -6.35
C VAL A 74 9.04 22.28 -6.91
N SER A 75 8.41 22.54 -8.06
CA SER A 75 8.46 23.82 -8.75
C SER A 75 8.21 24.99 -7.78
N LEU A 76 7.06 24.92 -7.10
CA LEU A 76 6.64 25.91 -6.13
C LEU A 76 7.68 26.05 -5.00
N ARG A 77 8.13 24.93 -4.44
CA ARG A 77 9.13 24.97 -3.37
C ARG A 77 10.37 25.75 -3.81
N MSE A 78 10.77 25.55 -5.07
CA MSE A 78 11.94 26.19 -5.66
C MSE A 78 11.78 27.70 -5.84
O MSE A 78 12.70 28.46 -5.53
CB MSE A 78 12.31 25.54 -6.99
CG MSE A 78 12.42 24.02 -6.93
SE MSE A 78 13.76 23.32 -8.13
CE MSE A 78 15.25 23.23 -6.87
N LYS A 79 10.63 28.13 -6.33
CA LYS A 79 10.36 29.56 -6.55
C LYS A 79 10.34 30.37 -5.26
N LYS A 80 10.00 29.73 -4.15
CA LYS A 80 10.00 30.41 -2.85
C LYS A 80 11.39 30.38 -2.20
N GLY A 81 12.36 29.74 -2.85
CA GLY A 81 13.72 29.68 -2.33
C GLY A 81 13.98 28.72 -1.17
N PHE A 82 13.27 27.58 -1.17
CA PHE A 82 13.50 26.55 -0.18
C PHE A 82 14.17 25.32 -0.80
N THR A 83 15.35 24.96 -0.30
CA THR A 83 15.85 23.62 -0.53
C THR A 83 14.96 22.64 0.23
N GLN A 84 14.86 21.42 -0.28
CA GLN A 84 14.08 20.37 0.37
C GLN A 84 14.36 20.30 1.87
N SER A 85 15.62 20.48 2.24
CA SER A 85 16.04 20.46 3.63
C SER A 85 15.41 21.61 4.43
N GLU A 86 15.48 22.81 3.86
CA GLU A 86 14.94 24.03 4.47
C GLU A 86 13.44 23.97 4.65
N LEU A 87 12.72 23.58 3.59
CA LEU A 87 11.29 23.41 3.68
C LEU A 87 10.87 22.36 4.70
N ALA A 88 11.59 21.23 4.75
CA ALA A 88 11.31 20.16 5.73
C ALA A 88 11.42 20.69 7.15
N THR A 89 12.44 21.51 7.38
CA THR A 89 12.65 22.14 8.69
C THR A 89 11.58 23.17 9.05
N ALA A 90 11.28 24.04 8.10
CA ALA A 90 10.23 25.05 8.24
C ALA A 90 8.85 24.45 8.53
N ALA A 91 8.55 23.29 7.94
CA ALA A 91 7.20 22.72 8.01
C ALA A 91 7.03 21.63 9.07
N GLY A 92 8.05 21.46 9.91
CA GLY A 92 8.01 20.47 10.99
C GLY A 92 7.88 19.03 10.51
N LEU A 93 8.47 18.75 9.34
CA LEU A 93 8.43 17.44 8.73
C LEU A 93 9.82 16.82 8.62
N PRO A 94 9.89 15.50 8.53
CA PRO A 94 11.13 14.81 8.20
C PRO A 94 11.37 14.86 6.69
N GLN A 95 12.64 15.07 6.29
CA GLN A 95 13.05 15.23 4.89
C GLN A 95 12.77 13.99 3.99
N PRO A 96 13.03 12.78 4.50
CA PRO A 96 12.57 11.61 3.80
C PRO A 96 11.09 11.67 3.43
N TYR A 97 10.23 12.06 4.38
CA TYR A 97 8.79 12.18 4.09
C TYR A 97 8.52 13.28 3.06
N LEU A 98 9.25 14.39 3.14
CA LEU A 98 9.12 15.47 2.18
C LEU A 98 9.53 15.02 0.79
N SER A 99 10.64 14.29 0.69
CA SER A 99 11.04 13.69 -0.59
C SER A 99 9.93 12.86 -1.22
N ARG A 100 9.26 12.08 -0.40
CA ARG A 100 8.16 11.27 -0.87
C ARG A 100 7.00 12.15 -1.37
N ILE A 101 6.74 13.25 -0.66
CA ILE A 101 5.71 14.22 -1.04
C ILE A 101 6.00 14.83 -2.41
N GLU A 102 7.28 15.09 -2.68
CA GLU A 102 7.67 15.66 -3.96
C GLU A 102 7.70 14.67 -5.14
N ASN A 103 7.86 13.38 -4.84
CA ASN A 103 8.15 12.37 -5.88
C ASN A 103 7.21 11.17 -5.99
N SER A 104 6.87 10.60 -4.84
CA SER A 104 6.27 9.28 -4.77
C SER A 104 4.78 9.33 -4.44
N LYS A 105 4.40 10.17 -3.46
CA LYS A 105 3.06 10.15 -2.82
C LYS A 105 1.84 10.45 -3.69
N GLN A 106 0.74 9.79 -3.36
CA GLN A 106 -0.52 9.92 -4.10
C GLN A 106 -1.49 10.96 -3.50
N SER A 107 -1.43 11.15 -2.18
CA SER A 107 -2.19 12.23 -1.54
C SER A 107 -1.50 12.83 -0.33
N LEU A 108 -2.05 13.94 0.17
CA LEU A 108 -1.60 14.62 1.40
C LEU A 108 -2.75 14.68 2.39
N GLN A 109 -2.48 14.38 3.65
CA GLN A 109 -3.43 14.65 4.72
C GLN A 109 -3.64 16.15 4.85
N ASP A 110 -4.83 16.56 5.29
CA ASP A 110 -5.14 17.98 5.43
C ASP A 110 -4.12 18.69 6.34
N LYS A 111 -3.77 18.06 7.46
CA LYS A 111 -2.82 18.66 8.42
C LYS A 111 -1.50 19.05 7.79
N THR A 112 -1.02 18.22 6.86
CA THR A 112 0.25 18.41 6.15
C THR A 112 0.17 19.58 5.17
N VAL A 113 -0.90 19.60 4.38
CA VAL A 113 -1.15 20.70 3.44
C VAL A 113 -1.02 22.04 4.16
N GLN A 114 -1.55 22.08 5.38
CA GLN A 114 -1.56 23.30 6.17
C GLN A 114 -0.17 23.64 6.70
N LYS A 115 0.53 22.67 7.29
CA LYS A 115 1.92 22.82 7.71
C LYS A 115 2.78 23.37 6.56
N LEU A 116 2.60 22.79 5.36
CA LEU A 116 3.35 23.18 4.17
C LEU A 116 2.94 24.56 3.68
N ALA A 117 1.63 24.82 3.67
CA ALA A 117 1.09 26.09 3.26
C ALA A 117 1.71 27.23 4.08
N ASN A 118 1.74 27.02 5.40
CA ASN A 118 2.30 27.98 6.34
C ASN A 118 3.78 28.20 6.10
N ALA A 119 4.54 27.12 5.96
CA ALA A 119 5.98 27.20 5.73
C ALA A 119 6.33 28.04 4.49
N LEU A 120 5.59 27.81 3.41
CA LEU A 120 5.78 28.50 2.15
C LEU A 120 5.01 29.81 2.05
N GLY A 121 4.09 30.04 3.00
CA GLY A 121 3.27 31.25 3.00
C GLY A 121 2.40 31.40 1.76
N VAL A 122 1.69 30.33 1.39
CA VAL A 122 0.76 30.32 0.26
C VAL A 122 -0.51 29.61 0.71
N SER A 123 -1.59 29.70 -0.07
CA SER A 123 -2.86 29.08 0.31
C SER A 123 -2.80 27.55 0.23
N PRO A 124 -3.70 26.86 0.96
CA PRO A 124 -3.96 25.42 0.79
C PRO A 124 -4.24 25.06 -0.67
N LEU A 125 -5.06 25.88 -1.34
CA LEU A 125 -5.39 25.64 -2.77
C LEU A 125 -4.15 25.62 -3.65
N GLU A 126 -3.21 26.53 -3.42
CA GLU A 126 -1.95 26.54 -4.14
C GLU A 126 -1.14 25.25 -3.93
N VAL A 127 -0.88 24.91 -2.66
CA VAL A 127 -0.25 23.63 -2.31
C VAL A 127 -0.97 22.45 -2.98
N ARG A 128 -2.27 22.32 -2.78
CA ARG A 128 -3.03 21.22 -3.41
C ARG A 128 -2.95 21.25 -4.94
N ALA A 129 -3.13 22.42 -5.55
CA ALA A 129 -3.08 22.51 -7.02
C ALA A 129 -1.73 22.08 -7.55
N ALA A 130 -0.66 22.40 -6.82
CA ALA A 130 0.69 22.04 -7.26
C ALA A 130 0.85 20.52 -7.18
N PHE A 131 0.54 19.96 -6.02
CA PHE A 131 0.61 18.54 -5.81
C PHE A 131 -0.12 17.77 -6.93
N GLU A 132 -1.33 18.20 -7.27
CA GLU A 132 -2.16 17.54 -8.29
C GLU A 132 -1.64 17.61 -9.73
N ARG A 133 -0.56 18.37 -9.96
CA ARG A 133 0.03 18.48 -11.31
C ARG A 133 0.89 17.27 -11.66
N ARG A 134 1.06 16.38 -10.72
CA ARG A 134 1.68 15.08 -10.94
C ARG A 134 0.72 14.11 -11.63
N TYR A 135 -0.52 14.54 -11.89
CA TYR A 135 -1.49 13.71 -12.61
C TYR A 135 -1.83 14.25 -13.98
N GLU A 136 -2.53 13.43 -14.75
CA GLU A 136 -2.97 13.81 -16.08
C GLU A 136 -4.49 13.67 -16.13
N TYR A 137 -5.19 14.79 -16.01
CA TYR A 137 -6.66 14.79 -16.01
C TYR A 137 -7.23 14.85 -17.43
N MSE A 138 -8.55 14.76 -17.54
CA MSE A 138 -9.26 14.79 -18.83
C MSE A 138 -10.73 15.13 -18.61
O MSE A 138 -11.37 14.57 -17.72
CB MSE A 138 -9.12 13.45 -19.54
CG MSE A 138 -9.32 12.26 -18.63
SE MSE A 138 -8.30 10.72 -19.23
CE MSE A 138 -9.63 9.99 -20.46
N GLU A 139 -11.28 16.05 -19.41
CA GLU A 139 -12.68 16.45 -19.22
C GLU A 139 -13.41 16.51 -20.55
N ILE B 9 -19.04 18.83 -4.97
CA ILE B 9 -18.28 17.56 -4.79
C ILE B 9 -18.42 16.69 -6.07
N PRO B 10 -17.48 16.85 -7.03
CA PRO B 10 -17.57 16.12 -8.30
C PRO B 10 -16.61 14.93 -8.38
N VAL B 11 -16.53 14.32 -9.56
CA VAL B 11 -15.51 13.31 -9.87
C VAL B 11 -14.61 13.77 -11.04
N THR B 12 -13.30 13.60 -10.90
CA THR B 12 -12.34 13.94 -11.97
C THR B 12 -11.46 12.75 -12.39
N HIS B 13 -11.57 12.39 -13.66
CA HIS B 13 -10.90 11.23 -14.24
C HIS B 13 -9.44 11.53 -14.59
N ILE B 14 -8.54 10.66 -14.17
CA ILE B 14 -7.10 10.80 -14.46
C ILE B 14 -6.54 9.65 -15.31
N LYS B 15 -5.63 9.98 -16.21
CA LYS B 15 -4.94 8.99 -17.04
C LYS B 15 -3.81 8.36 -16.24
N CYS B 16 -3.78 7.03 -16.19
CA CYS B 16 -2.72 6.29 -15.52
C CYS B 16 -2.07 5.26 -16.44
N LEU B 17 -0.80 4.99 -16.15
CA LEU B 17 -0.02 4.00 -16.90
C LEU B 17 -0.08 2.63 -16.22
N ARG B 18 -0.60 1.63 -16.92
CA ARG B 18 -0.50 0.24 -16.49
C ARG B 18 0.59 -0.48 -17.29
N ILE B 19 1.63 -0.91 -16.59
CA ILE B 19 2.80 -1.48 -17.23
C ILE B 19 3.19 -2.78 -16.54
N ASN B 20 2.66 -3.88 -17.08
CA ASN B 20 2.96 -5.23 -16.62
C ASN B 20 2.67 -5.45 -15.13
N GLY B 21 1.38 -5.49 -14.80
CA GLY B 21 0.91 -5.78 -13.44
C GLY B 21 1.25 -4.73 -12.40
N GLN B 22 1.42 -3.49 -12.84
CA GLN B 22 1.84 -2.42 -11.98
C GLN B 22 1.25 -1.10 -12.50
N ILE B 23 0.65 -0.30 -11.61
CA ILE B 23 0.05 0.98 -12.01
C ILE B 23 0.90 2.18 -11.58
N LYS B 24 1.13 3.08 -12.51
CA LYS B 24 1.92 4.28 -12.30
C LYS B 24 1.05 5.49 -12.65
N CYS B 25 0.60 6.22 -11.64
CA CYS B 25 -0.35 7.32 -11.86
C CYS B 25 0.36 8.64 -11.71
N VAL B 26 1.31 8.63 -10.78
CA VAL B 26 2.06 9.80 -10.40
C VAL B 26 3.19 9.99 -11.39
N LYS B 27 3.28 11.18 -11.98
CA LYS B 27 4.44 11.54 -12.81
C LYS B 27 5.37 12.56 -12.15
N PRO B 28 6.44 12.08 -11.49
CA PRO B 28 7.37 13.03 -10.90
C PRO B 28 8.40 13.47 -11.95
N ILE B 29 8.29 14.74 -12.37
CA ILE B 29 9.14 15.32 -13.41
C ILE B 29 10.64 15.28 -13.08
N SER B 30 11.45 15.09 -14.12
CA SER B 30 12.87 14.76 -13.94
C SER B 30 13.85 15.60 -14.77
N PRO B 31 14.04 16.90 -14.40
CA PRO B 31 15.29 17.56 -14.77
C PRO B 31 16.29 17.42 -13.62
N ASN B 32 17.34 16.63 -13.85
CA ASN B 32 18.16 16.05 -12.78
C ASN B 32 19.13 16.98 -12.05
N THR B 33 19.25 18.23 -12.50
CA THR B 33 20.20 19.14 -11.89
C THR B 33 19.52 20.30 -11.16
N THR B 34 19.66 20.31 -9.82
CA THR B 34 19.27 21.43 -8.98
C THR B 34 20.53 22.05 -8.38
N PRO B 35 20.51 23.37 -8.03
CA PRO B 35 21.69 24.11 -7.56
C PRO B 35 22.45 23.50 -6.35
N ALA B 36 21.72 23.04 -5.33
CA ALA B 36 22.33 22.35 -4.19
C ALA B 36 23.06 21.08 -4.64
N ALA B 37 22.41 20.28 -5.47
CA ALA B 37 23.01 19.08 -6.04
C ALA B 37 24.21 19.46 -6.89
N GLU B 38 24.01 20.42 -7.79
CA GLU B 38 25.06 20.98 -8.63
C GLU B 38 26.29 21.40 -7.83
N HIS B 39 26.06 22.06 -6.69
CA HIS B 39 27.13 22.60 -5.83
C HIS B 39 28.03 21.52 -5.21
N ILE B 40 27.44 20.58 -4.49
CA ILE B 40 28.17 19.46 -3.87
C ILE B 40 28.95 18.65 -4.91
N GLU B 41 28.32 18.42 -6.05
CA GLU B 41 28.97 17.76 -7.17
C GLU B 41 30.29 18.47 -7.55
N HIS B 42 30.23 19.80 -7.67
CA HIS B 42 31.42 20.57 -8.03
C HIS B 42 32.46 20.56 -6.92
N VAL B 43 31.99 20.63 -5.67
CA VAL B 43 32.85 20.51 -4.48
C VAL B 43 33.61 19.18 -4.46
N ARG B 44 32.90 18.10 -4.77
CA ARG B 44 33.47 16.74 -4.77
C ARG B 44 34.34 16.45 -5.99
N LYS B 45 34.40 17.40 -6.93
CA LYS B 45 35.23 17.27 -8.12
C LYS B 45 36.72 17.48 -7.80
N ASN B 46 36.98 18.19 -6.71
CA ASN B 46 38.31 18.23 -6.11
C ASN B 46 38.51 16.98 -5.23
N PRO B 47 39.57 16.19 -5.51
CA PRO B 47 39.83 14.95 -4.75
C PRO B 47 40.21 15.23 -3.30
N ARG B 48 40.80 16.39 -3.06
CA ARG B 48 41.25 16.78 -1.73
C ARG B 48 40.06 17.15 -0.85
N ARG B 49 39.09 17.83 -1.43
CA ARG B 49 37.83 18.13 -0.76
C ARG B 49 37.02 16.84 -0.54
N LYS B 50 36.97 16.01 -1.58
CA LYS B 50 36.17 14.79 -1.54
C LYS B 50 36.57 13.96 -0.32
N ALA B 51 37.87 13.79 -0.19
CA ALA B 51 38.46 13.05 0.93
C ALA B 51 38.04 13.65 2.28
N ALA B 52 38.26 14.94 2.45
CA ALA B 52 37.89 15.59 3.70
C ALA B 52 36.45 15.23 4.09
N MSE B 53 35.53 15.35 3.13
CA MSE B 53 34.13 14.99 3.34
C MSE B 53 33.98 13.50 3.65
O MSE B 53 33.26 13.12 4.58
CB MSE B 53 33.31 15.32 2.10
CG MSE B 53 32.91 16.77 1.96
SE MSE B 53 31.57 17.02 0.52
CE MSE B 53 30.09 15.99 1.26
N ASP B 54 34.65 12.66 2.86
CA ASP B 54 34.61 11.20 3.04
C ASP B 54 35.01 10.77 4.45
N ARG B 55 36.10 11.33 4.98
CA ARG B 55 36.57 11.01 6.34
C ARG B 55 35.55 11.42 7.40
N ALA B 56 34.87 12.54 7.15
CA ALA B 56 33.79 12.99 8.02
C ALA B 56 32.62 12.02 7.96
N ALA B 57 32.27 11.61 6.74
CA ALA B 57 31.16 10.67 6.53
C ALA B 57 31.39 9.37 7.28
N ALA B 58 32.63 8.88 7.24
CA ALA B 58 33.00 7.62 7.87
C ALA B 58 32.85 7.71 9.39
N ARG B 59 33.36 8.80 9.96
CA ARG B 59 33.28 9.06 11.39
C ARG B 59 31.83 9.09 11.83
N ILE B 60 30.99 9.76 11.06
CA ILE B 60 29.55 9.82 11.35
C ILE B 60 28.91 8.46 11.18
N ALA B 61 29.34 7.69 10.17
CA ALA B 61 28.84 6.34 9.94
C ALA B 61 29.08 5.41 11.15
N ASP B 62 30.19 5.63 11.86
CA ASP B 62 30.48 4.85 13.08
C ASP B 62 29.44 5.11 14.15
N LYS B 63 29.16 6.38 14.39
CA LYS B 63 28.15 6.80 15.33
C LYS B 63 26.79 6.21 14.95
N ILE B 64 26.53 6.09 13.65
CA ILE B 64 25.29 5.48 13.15
C ILE B 64 25.23 3.97 13.48
N ALA B 65 26.31 3.25 13.17
CA ALA B 65 26.36 1.80 13.37
C ALA B 65 26.20 1.37 14.84
N LEU B 66 26.91 2.08 15.72
CA LEU B 66 26.86 1.85 17.16
C LEU B 66 25.47 2.17 17.72
N LYS B 67 24.93 3.31 17.31
CA LYS B 67 23.60 3.73 17.74
C LYS B 67 22.52 2.75 17.31
N ALA B 68 22.70 2.13 16.14
CA ALA B 68 21.60 1.44 15.47
C ALA B 68 21.63 -0.08 15.57
N GLY B 69 22.68 -0.61 16.18
CA GLY B 69 22.81 -2.06 16.34
C GLY B 69 23.93 -2.67 15.52
N GLY B 70 24.22 -2.06 14.38
CA GLY B 70 25.25 -2.54 13.46
C GLY B 70 25.15 -1.73 12.18
N GLU B 71 25.82 -2.20 11.12
CA GLU B 71 25.79 -1.50 9.84
C GLU B 71 24.37 -1.37 9.29
N THR B 72 23.96 -0.12 9.04
CA THR B 72 22.70 0.14 8.38
C THR B 72 23.01 0.40 6.91
N PHE B 73 21.98 0.51 6.08
CA PHE B 73 22.20 0.77 4.68
C PHE B 73 22.89 2.11 4.44
N VAL B 74 22.45 3.14 5.19
CA VAL B 74 23.05 4.48 5.11
C VAL B 74 24.49 4.43 5.58
N SER B 75 24.69 3.81 6.74
CA SER B 75 26.01 3.62 7.32
C SER B 75 27.01 3.11 6.28
N LEU B 76 26.67 1.98 5.68
CA LEU B 76 27.48 1.34 4.66
C LEU B 76 27.76 2.27 3.48
N ARG B 77 26.73 2.94 2.97
CA ARG B 77 26.89 3.87 1.88
C ARG B 77 27.94 4.94 2.23
N MSE B 78 27.87 5.45 3.45
CA MSE B 78 28.76 6.50 3.94
C MSE B 78 30.22 6.05 4.06
O MSE B 78 31.14 6.81 3.73
CB MSE B 78 28.27 7.04 5.27
CG MSE B 78 26.78 7.40 5.29
SE MSE B 78 26.26 8.90 6.45
CE MSE B 78 26.57 10.32 5.15
N LYS B 79 30.44 4.82 4.51
CA LYS B 79 31.80 4.30 4.67
C LYS B 79 32.51 4.08 3.34
N LYS B 80 31.73 3.86 2.29
CA LYS B 80 32.29 3.67 0.95
C LYS B 80 32.47 5.01 0.21
N GLY B 81 32.10 6.11 0.87
CA GLY B 81 32.26 7.45 0.30
C GLY B 81 31.29 7.84 -0.81
N PHE B 82 30.05 7.36 -0.71
CA PHE B 82 29.01 7.71 -1.67
C PHE B 82 27.96 8.60 -1.04
N THR B 83 27.81 9.81 -1.57
CA THR B 83 26.63 10.59 -1.27
C THR B 83 25.46 9.83 -1.89
N GLN B 84 24.27 10.01 -1.33
CA GLN B 84 23.06 9.42 -1.87
C GLN B 84 22.95 9.66 -3.38
N SER B 85 23.32 10.87 -3.82
CA SER B 85 23.28 11.22 -5.23
C SER B 85 24.24 10.35 -6.06
N GLU B 86 25.44 10.19 -5.54
CA GLU B 86 26.50 9.44 -6.21
C GLU B 86 26.15 7.96 -6.31
N LEU B 87 25.71 7.38 -5.20
CA LEU B 87 25.25 5.99 -5.20
C LEU B 87 24.07 5.73 -6.13
N ALA B 88 23.09 6.64 -6.14
CA ALA B 88 21.94 6.55 -7.07
C ALA B 88 22.38 6.52 -8.54
N THR B 89 23.36 7.36 -8.86
CA THR B 89 23.92 7.40 -10.21
C THR B 89 24.70 6.11 -10.54
N ALA B 90 25.56 5.70 -9.62
CA ALA B 90 26.34 4.49 -9.76
C ALA B 90 25.49 3.21 -9.93
N ALA B 91 24.33 3.17 -9.28
CA ALA B 91 23.52 1.94 -9.26
C ALA B 91 22.34 1.95 -10.27
N GLY B 92 22.29 3.00 -11.10
CA GLY B 92 21.26 3.11 -12.13
C GLY B 92 19.87 3.24 -11.54
N LEU B 93 19.81 3.93 -10.41
CA LEU B 93 18.56 4.15 -9.68
C LEU B 93 18.21 5.64 -9.59
N PRO B 94 16.91 5.93 -9.40
CA PRO B 94 16.49 7.29 -9.12
C PRO B 94 16.69 7.62 -7.64
N GLN B 95 17.11 8.84 -7.34
CA GLN B 95 17.49 9.27 -5.98
C GLN B 95 16.32 9.29 -5.01
N PRO B 96 15.14 9.72 -5.48
CA PRO B 96 13.94 9.52 -4.66
C PRO B 96 13.75 8.05 -4.22
N TYR B 97 13.90 7.10 -5.14
CA TYR B 97 13.77 5.68 -4.81
C TYR B 97 14.86 5.25 -3.83
N LEU B 98 16.07 5.77 -4.03
CA LEU B 98 17.18 5.48 -3.13
C LEU B 98 16.92 5.99 -1.73
N SER B 99 16.43 7.23 -1.62
CA SER B 99 16.01 7.81 -0.32
C SER B 99 14.99 6.92 0.40
N ARG B 100 14.04 6.36 -0.35
CA ARG B 100 13.07 5.46 0.23
C ARG B 100 13.74 4.16 0.70
N ILE B 101 14.74 3.69 -0.05
CA ILE B 101 15.51 2.50 0.34
C ILE B 101 16.25 2.71 1.67
N GLU B 102 16.76 3.92 1.87
CA GLU B 102 17.51 4.24 3.09
C GLU B 102 16.62 4.47 4.30
N ASN B 103 15.38 4.89 4.07
CA ASN B 103 14.51 5.43 5.14
C ASN B 103 13.17 4.75 5.35
N SER B 104 12.46 4.51 4.26
CA SER B 104 11.04 4.14 4.32
C SER B 104 10.81 2.64 4.08
N LYS B 105 11.47 2.08 3.05
CA LYS B 105 11.17 0.75 2.49
C LYS B 105 11.28 -0.43 3.43
N GLN B 106 10.41 -1.41 3.18
CA GLN B 106 10.35 -2.64 3.97
C GLN B 106 11.16 -3.81 3.37
N SER B 107 11.27 -3.85 2.03
CA SER B 107 12.14 -4.84 1.37
C SER B 107 12.79 -4.34 0.08
N LEU B 108 13.75 -5.13 -0.42
CA LEU B 108 14.40 -4.88 -1.71
C LEU B 108 14.16 -6.05 -2.67
N GLN B 109 13.85 -5.75 -3.92
CA GLN B 109 13.84 -6.77 -4.96
C GLN B 109 15.26 -7.28 -5.18
N ASP B 110 15.40 -8.54 -5.60
CA ASP B 110 16.72 -9.11 -5.79
C ASP B 110 17.55 -8.28 -6.79
N LYS B 111 16.93 -7.84 -7.87
CA LYS B 111 17.62 -7.07 -8.91
C LYS B 111 18.29 -5.82 -8.36
N THR B 112 17.62 -5.18 -7.41
CA THR B 112 18.09 -3.95 -6.77
C THR B 112 19.31 -4.20 -5.87
N VAL B 113 19.18 -5.20 -4.99
CA VAL B 113 20.28 -5.65 -4.13
C VAL B 113 21.56 -5.82 -4.96
N GLN B 114 21.41 -6.39 -6.15
CA GLN B 114 22.55 -6.67 -7.00
C GLN B 114 23.10 -5.38 -7.62
N LYS B 115 22.21 -4.54 -8.16
CA LYS B 115 22.61 -3.22 -8.69
C LYS B 115 23.40 -2.47 -7.62
N LEU B 116 22.91 -2.52 -6.38
CA LEU B 116 23.50 -1.79 -5.27
C LEU B 116 24.83 -2.42 -4.86
N ALA B 117 24.85 -3.74 -4.81
CA ALA B 117 26.03 -4.48 -4.38
C ALA B 117 27.18 -4.18 -5.32
N ASN B 118 26.86 -4.11 -6.61
CA ASN B 118 27.86 -3.79 -7.64
C ASN B 118 28.36 -2.36 -7.51
N ALA B 119 27.44 -1.43 -7.28
CA ALA B 119 27.80 -0.02 -7.15
C ALA B 119 28.80 0.21 -6.03
N LEU B 120 28.54 -0.46 -4.91
CA LEU B 120 29.33 -0.34 -3.69
C LEU B 120 30.48 -1.33 -3.64
N GLY B 121 30.46 -2.31 -4.56
CA GLY B 121 31.46 -3.38 -4.56
C GLY B 121 31.53 -4.21 -3.28
N VAL B 122 30.37 -4.66 -2.81
CA VAL B 122 30.26 -5.53 -1.64
C VAL B 122 29.31 -6.68 -1.98
N SER B 123 29.25 -7.72 -1.15
CA SER B 123 28.35 -8.85 -1.42
C SER B 123 26.87 -8.50 -1.23
N PRO B 124 25.97 -9.26 -1.90
CA PRO B 124 24.53 -9.21 -1.65
C PRO B 124 24.20 -9.37 -0.16
N LEU B 125 24.84 -10.33 0.50
CA LEU B 125 24.69 -10.53 1.95
C LEU B 125 24.95 -9.27 2.74
N GLU B 126 26.05 -8.57 2.42
CA GLU B 126 26.34 -7.31 3.10
C GLU B 126 25.20 -6.31 2.94
N VAL B 127 24.82 -6.04 1.68
CA VAL B 127 23.70 -5.17 1.37
C VAL B 127 22.46 -5.59 2.16
N ARG B 128 22.08 -6.86 2.06
CA ARG B 128 20.90 -7.35 2.75
C ARG B 128 21.02 -7.22 4.24
N ALA B 129 22.16 -7.63 4.82
CA ALA B 129 22.37 -7.52 6.27
C ALA B 129 22.23 -6.09 6.78
N ALA B 130 22.70 -5.13 5.97
CA ALA B 130 22.65 -3.74 6.31
C ALA B 130 21.20 -3.25 6.34
N PHE B 131 20.50 -3.53 5.25
CA PHE B 131 19.11 -3.16 5.12
C PHE B 131 18.30 -3.68 6.32
N GLU B 132 18.50 -4.96 6.66
CA GLU B 132 17.78 -5.61 7.78
C GLU B 132 18.06 -5.07 9.19
N ARG B 133 19.01 -4.14 9.31
CA ARG B 133 19.33 -3.52 10.59
C ARG B 133 18.32 -2.43 10.99
N ARG B 134 17.40 -2.11 10.08
CA ARG B 134 16.27 -1.23 10.35
C ARG B 134 15.19 -1.96 11.14
N TYR B 135 15.39 -3.23 11.44
CA TYR B 135 14.43 -3.97 12.28
C TYR B 135 14.99 -4.35 13.65
N GLU B 136 14.10 -4.86 14.50
CA GLU B 136 14.45 -5.34 15.82
C GLU B 136 14.02 -6.78 15.94
N TYR B 137 14.97 -7.72 15.81
CA TYR B 137 14.69 -9.15 15.87
C TYR B 137 14.75 -9.65 17.31
N MSE B 138 14.42 -10.93 17.51
CA MSE B 138 14.43 -11.56 18.84
C MSE B 138 14.51 -13.09 18.73
O MSE B 138 13.78 -13.69 17.94
CB MSE B 138 13.18 -11.16 19.63
CG MSE B 138 11.92 -11.16 18.78
SE MSE B 138 10.57 -9.87 19.36
CE MSE B 138 9.73 -10.95 20.77
N ILE C 9 -2.37 9.43 24.16
CA ILE C 9 -1.69 9.12 22.86
C ILE C 9 -0.57 8.10 23.09
N PRO C 10 -0.93 6.79 23.16
CA PRO C 10 0.00 5.75 23.63
C PRO C 10 0.82 5.05 22.54
N VAL C 11 1.84 4.29 22.97
CA VAL C 11 2.62 3.43 22.07
C VAL C 11 2.69 2.00 22.65
N THR C 12 2.01 1.05 22.00
CA THR C 12 2.01 -0.36 22.44
C THR C 12 2.78 -1.26 21.47
N HIS C 13 3.36 -2.34 22.01
CA HIS C 13 4.26 -3.18 21.22
C HIS C 13 3.59 -4.49 20.80
N ILE C 14 3.63 -4.75 19.49
CA ILE C 14 3.03 -5.97 18.93
C ILE C 14 4.05 -6.87 18.22
N LYS C 15 3.91 -8.18 18.41
CA LYS C 15 4.79 -9.15 17.76
C LYS C 15 4.33 -9.36 16.33
N CYS C 16 5.27 -9.20 15.40
CA CYS C 16 4.99 -9.43 13.98
C CYS C 16 5.94 -10.46 13.35
N LEU C 17 5.42 -11.13 12.33
CA LEU C 17 6.18 -12.12 11.58
C LEU C 17 6.82 -11.48 10.35
N ARG C 18 8.14 -11.51 10.30
CA ARG C 18 8.89 -11.20 9.08
C ARG C 18 9.36 -12.48 8.38
N ILE C 19 8.86 -12.69 7.18
CA ILE C 19 9.10 -13.91 6.44
C ILE C 19 9.52 -13.59 5.00
N ASN C 20 10.83 -13.49 4.80
CA ASN C 20 11.44 -13.28 3.49
C ASN C 20 10.91 -12.01 2.79
N GLY C 21 11.34 -10.87 3.31
CA GLY C 21 11.03 -9.56 2.72
C GLY C 21 9.56 -9.17 2.73
N GLN C 22 8.83 -9.68 3.72
CA GLN C 22 7.39 -9.46 3.81
C GLN C 22 6.97 -9.53 5.28
N ILE C 23 6.21 -8.54 5.73
CA ILE C 23 5.73 -8.50 7.11
C ILE C 23 4.26 -8.91 7.24
N LYS C 24 4.00 -9.81 8.20
CA LYS C 24 2.66 -10.32 8.49
C LYS C 24 2.37 -10.04 9.96
N CYS C 25 1.51 -9.06 10.24
CA CYS C 25 1.21 -8.65 11.61
C CYS C 25 -0.15 -9.15 12.04
N VAL C 26 -1.05 -9.16 11.09
CA VAL C 26 -2.43 -9.56 11.28
C VAL C 26 -2.53 -11.08 11.26
N LYS C 27 -3.15 -11.65 12.30
CA LYS C 27 -3.46 -13.07 12.29
C LYS C 27 -4.96 -13.30 12.19
N PRO C 28 -5.52 -13.38 10.95
CA PRO C 28 -6.95 -13.70 10.91
C PRO C 28 -7.18 -15.11 11.40
N ILE C 29 -8.26 -15.29 12.15
CA ILE C 29 -8.66 -16.59 12.70
C ILE C 29 -9.44 -17.46 11.70
N SER C 30 -9.02 -18.73 11.62
CA SER C 30 -9.32 -19.59 10.47
C SER C 30 -10.19 -20.84 10.76
N PRO C 31 -11.51 -20.64 10.98
CA PRO C 31 -12.40 -21.80 11.12
C PRO C 31 -13.27 -21.92 9.88
N ASN C 32 -12.62 -22.27 8.76
CA ASN C 32 -13.28 -22.33 7.44
C ASN C 32 -14.76 -22.68 7.55
N THR C 33 -15.02 -23.76 8.28
CA THR C 33 -16.35 -24.32 8.42
C THR C 33 -17.27 -23.38 9.19
N THR C 34 -18.00 -22.56 8.42
CA THR C 34 -19.12 -21.77 8.95
C THR C 34 -20.43 -22.30 8.37
N PRO C 35 -21.54 -22.16 9.13
CA PRO C 35 -22.85 -22.76 8.75
C PRO C 35 -23.35 -22.43 7.35
N ALA C 36 -23.28 -21.16 6.96
CA ALA C 36 -23.66 -20.75 5.61
C ALA C 36 -22.81 -21.47 4.57
N ALA C 37 -21.49 -21.51 4.78
CA ALA C 37 -20.59 -22.23 3.88
C ALA C 37 -20.95 -23.71 3.88
N GLU C 38 -21.05 -24.28 5.07
CA GLU C 38 -21.46 -25.66 5.27
C GLU C 38 -22.74 -25.99 4.49
N HIS C 39 -23.69 -25.05 4.48
CA HIS C 39 -25.00 -25.26 3.86
C HIS C 39 -24.95 -25.41 2.34
N ILE C 40 -24.42 -24.37 1.67
CA ILE C 40 -24.23 -24.38 0.23
C ILE C 40 -23.41 -25.60 -0.24
N GLU C 41 -22.37 -25.92 0.51
CA GLU C 41 -21.59 -27.10 0.23
C GLU C 41 -22.52 -28.34 0.15
N HIS C 42 -23.37 -28.53 1.16
CA HIS C 42 -24.27 -29.69 1.19
C HIS C 42 -25.30 -29.67 0.07
N VAL C 43 -25.80 -28.47 -0.23
CA VAL C 43 -26.72 -28.25 -1.36
C VAL C 43 -26.08 -28.64 -2.70
N ARG C 44 -24.82 -28.27 -2.90
CA ARG C 44 -24.10 -28.58 -4.14
C ARG C 44 -23.63 -30.03 -4.24
N LYS C 45 -23.80 -30.80 -3.16
CA LYS C 45 -23.42 -32.21 -3.16
C LYS C 45 -24.39 -33.04 -4.00
N ASN C 46 -25.62 -32.55 -4.16
CA ASN C 46 -26.53 -33.08 -5.14
C ASN C 46 -26.17 -32.50 -6.52
N PRO C 47 -25.92 -33.37 -7.53
CA PRO C 47 -25.54 -32.92 -8.86
C PRO C 47 -26.66 -32.19 -9.57
N ARG C 48 -27.91 -32.54 -9.23
CA ARG C 48 -29.07 -31.97 -9.88
C ARG C 48 -29.29 -30.54 -9.41
N ARG C 49 -29.08 -30.32 -8.11
CA ARG C 49 -29.10 -28.99 -7.51
C ARG C 49 -27.96 -28.14 -8.05
N LYS C 50 -26.75 -28.72 -8.07
CA LYS C 50 -25.54 -28.03 -8.48
C LYS C 50 -25.74 -27.43 -9.86
N ALA C 51 -26.28 -28.24 -10.76
CA ALA C 51 -26.56 -27.82 -12.11
C ALA C 51 -27.53 -26.64 -12.15
N ALA C 52 -28.67 -26.77 -11.47
CA ALA C 52 -29.65 -25.70 -11.43
C ALA C 52 -28.96 -24.38 -11.10
N MSE C 53 -28.12 -24.40 -10.05
CA MSE C 53 -27.36 -23.24 -9.60
C MSE C 53 -26.39 -22.76 -10.67
O MSE C 53 -26.29 -21.57 -10.95
CB MSE C 53 -26.58 -23.54 -8.31
CG MSE C 53 -27.39 -23.49 -7.03
SE MSE C 53 -26.27 -23.60 -5.42
CE MSE C 53 -25.29 -21.94 -5.62
N ASP C 54 -25.67 -23.72 -11.25
CA ASP C 54 -24.68 -23.44 -12.31
C ASP C 54 -25.29 -22.69 -13.49
N ARG C 55 -26.43 -23.17 -13.98
CA ARG C 55 -27.13 -22.51 -15.09
C ARG C 55 -27.55 -21.10 -14.74
N ALA C 56 -27.98 -20.88 -13.50
CA ALA C 56 -28.29 -19.54 -13.01
C ALA C 56 -27.03 -18.66 -12.98
N ALA C 57 -25.92 -19.20 -12.46
CA ALA C 57 -24.65 -18.49 -12.40
C ALA C 57 -24.20 -18.03 -13.79
N ALA C 58 -24.34 -18.91 -14.78
CA ALA C 58 -23.94 -18.62 -16.17
C ALA C 58 -24.75 -17.46 -16.74
N ARG C 59 -26.07 -17.51 -16.55
CA ARG C 59 -26.97 -16.47 -17.00
C ARG C 59 -26.59 -15.13 -16.38
N ILE C 60 -26.31 -15.14 -15.08
CA ILE C 60 -25.89 -13.93 -14.37
C ILE C 60 -24.52 -13.45 -14.86
N ALA C 61 -23.62 -14.40 -15.13
CA ALA C 61 -22.30 -14.06 -15.65
C ALA C 61 -22.37 -13.32 -17.00
N ASP C 62 -23.38 -13.64 -17.82
CA ASP C 62 -23.61 -12.94 -19.11
C ASP C 62 -23.90 -11.47 -18.86
N LYS C 63 -24.82 -11.20 -17.93
CA LYS C 63 -25.20 -9.85 -17.56
C LYS C 63 -24.00 -9.09 -17.00
N ILE C 64 -23.10 -9.79 -16.32
CA ILE C 64 -21.86 -9.21 -15.81
C ILE C 64 -20.91 -8.84 -16.95
N ALA C 65 -20.70 -9.77 -17.90
CA ALA C 65 -19.76 -9.55 -19.00
C ALA C 65 -20.18 -8.37 -19.89
N LEU C 66 -21.47 -8.32 -20.21
CA LEU C 66 -22.04 -7.27 -21.06
C LEU C 66 -21.97 -5.91 -20.36
N LYS C 67 -22.32 -5.91 -19.08
CA LYS C 67 -22.28 -4.70 -18.27
C LYS C 67 -20.86 -4.16 -18.14
N ALA C 68 -19.87 -5.05 -18.08
CA ALA C 68 -18.54 -4.66 -17.63
C ALA C 68 -17.50 -4.45 -18.73
N GLY C 69 -17.87 -4.70 -19.99
CA GLY C 69 -16.92 -4.56 -21.08
C GLY C 69 -16.53 -5.87 -21.73
N GLY C 70 -16.48 -6.94 -20.92
CA GLY C 70 -16.09 -8.27 -21.35
C GLY C 70 -16.00 -9.17 -20.15
N GLU C 71 -15.42 -10.36 -20.33
CA GLU C 71 -15.30 -11.32 -19.24
C GLU C 71 -14.46 -10.69 -18.14
N THR C 72 -15.03 -10.68 -16.94
CA THR C 72 -14.31 -10.28 -15.75
C THR C 72 -13.87 -11.56 -15.03
N PHE C 73 -13.08 -11.41 -13.98
CA PHE C 73 -12.60 -12.56 -13.24
C PHE C 73 -13.75 -13.33 -12.61
N VAL C 74 -14.68 -12.60 -12.02
CA VAL C 74 -15.86 -13.19 -11.39
C VAL C 74 -16.68 -13.89 -12.45
N SER C 75 -16.96 -13.16 -13.54
CA SER C 75 -17.71 -13.66 -14.69
C SER C 75 -17.24 -15.06 -15.08
N LEU C 76 -15.94 -15.16 -15.40
CA LEU C 76 -15.29 -16.39 -15.79
C LEU C 76 -15.47 -17.49 -14.74
N ARG C 77 -15.21 -17.17 -13.48
CA ARG C 77 -15.37 -18.13 -12.39
C ARG C 77 -16.77 -18.74 -12.40
N MSE C 78 -17.78 -17.89 -12.62
CA MSE C 78 -19.18 -18.25 -12.64
C MSE C 78 -19.54 -19.19 -13.80
O MSE C 78 -20.25 -20.18 -13.60
CB MSE C 78 -20.08 -17.02 -12.67
CG MSE C 78 -19.75 -16.00 -11.60
SE MSE C 78 -21.31 -15.09 -10.93
CE MSE C 78 -21.65 -16.21 -9.39
N LYS C 79 -19.05 -18.87 -14.99
CA LYS C 79 -19.33 -19.69 -16.19
C LYS C 79 -18.75 -21.10 -16.11
N LYS C 80 -17.68 -21.28 -15.33
CA LYS C 80 -17.10 -22.60 -15.14
C LYS C 80 -17.76 -23.36 -14.00
N GLY C 81 -18.73 -22.74 -13.33
CA GLY C 81 -19.46 -23.39 -12.24
C GLY C 81 -18.74 -23.50 -10.89
N PHE C 82 -17.91 -22.50 -10.58
CA PHE C 82 -17.22 -22.44 -9.30
C PHE C 82 -17.80 -21.33 -8.42
N THR C 83 -18.30 -21.69 -7.24
CA THR C 83 -18.50 -20.70 -6.20
C THR C 83 -17.12 -20.25 -5.74
N GLN C 84 -17.01 -19.02 -5.26
CA GLN C 84 -15.77 -18.49 -4.72
C GLN C 84 -15.10 -19.47 -3.74
N SER C 85 -15.91 -20.16 -2.94
CA SER C 85 -15.40 -21.16 -2.01
C SER C 85 -14.75 -22.35 -2.72
N GLU C 86 -15.43 -22.85 -3.75
CA GLU C 86 -14.97 -24.00 -4.54
C GLU C 86 -13.69 -23.69 -5.28
N LEU C 87 -13.68 -22.54 -5.97
CA LEU C 87 -12.48 -22.10 -6.66
C LEU C 87 -11.28 -21.93 -5.71
N ALA C 88 -11.53 -21.32 -4.55
CA ALA C 88 -10.47 -21.10 -3.55
C ALA C 88 -9.84 -22.42 -3.12
N THR C 89 -10.69 -23.43 -2.93
CA THR C 89 -10.24 -24.77 -2.57
C THR C 89 -9.48 -25.47 -3.71
N ALA C 90 -10.03 -25.42 -4.92
CA ALA C 90 -9.39 -25.98 -6.11
C ALA C 90 -8.02 -25.37 -6.40
N ALA C 91 -7.83 -24.07 -6.09
CA ALA C 91 -6.62 -23.36 -6.49
C ALA C 91 -5.58 -23.21 -5.36
N GLY C 92 -5.82 -23.90 -4.25
CA GLY C 92 -4.91 -23.87 -3.10
C GLY C 92 -4.74 -22.48 -2.50
N LEU C 93 -5.81 -21.69 -2.55
CA LEU C 93 -5.81 -20.34 -2.04
C LEU C 93 -6.78 -20.17 -0.86
N PRO C 94 -6.54 -19.16 -0.02
CA PRO C 94 -7.50 -18.77 0.99
C PRO C 94 -8.60 -17.90 0.36
N GLN C 95 -9.86 -18.12 0.79
CA GLN C 95 -11.05 -17.44 0.24
C GLN C 95 -11.05 -15.90 0.43
N PRO C 96 -10.63 -15.42 1.62
CA PRO C 96 -10.38 -14.01 1.77
C PRO C 96 -9.47 -13.44 0.69
N TYR C 97 -8.36 -14.13 0.40
CA TYR C 97 -7.47 -13.67 -0.67
C TYR C 97 -8.14 -13.71 -2.06
N LEU C 98 -8.93 -14.76 -2.31
CA LEU C 98 -9.66 -14.88 -3.55
C LEU C 98 -10.68 -13.75 -3.70
N SER C 99 -11.40 -13.43 -2.63
CA SER C 99 -12.32 -12.29 -2.63
C SER C 99 -11.62 -11.01 -3.05
N ARG C 100 -10.42 -10.80 -2.52
CA ARG C 100 -9.64 -9.64 -2.89
C ARG C 100 -9.27 -9.65 -4.38
N ILE C 101 -8.93 -10.84 -4.91
CA ILE C 101 -8.61 -11.01 -6.32
C ILE C 101 -9.81 -10.65 -7.23
N GLU C 102 -11.00 -11.02 -6.80
CA GLU C 102 -12.21 -10.69 -7.56
C GLU C 102 -12.65 -9.21 -7.47
N ASN C 103 -12.28 -8.51 -6.40
CA ASN C 103 -12.86 -7.20 -6.08
C ASN C 103 -11.92 -6.03 -5.89
N SER C 104 -10.84 -6.27 -5.16
CA SER C 104 -10.00 -5.21 -4.63
C SER C 104 -8.67 -5.09 -5.38
N LYS C 105 -8.03 -6.22 -5.67
CA LYS C 105 -6.62 -6.28 -6.14
C LYS C 105 -6.27 -5.61 -7.46
N GLN C 106 -5.07 -5.04 -7.50
CA GLN C 106 -4.56 -4.36 -8.69
C GLN C 106 -3.71 -5.25 -9.63
N SER C 107 -3.01 -6.24 -9.07
CA SER C 107 -2.33 -7.24 -9.89
C SER C 107 -2.28 -8.64 -9.29
N LEU C 108 -1.86 -9.61 -10.10
CA LEU C 108 -1.67 -11.00 -9.69
C LEU C 108 -0.22 -11.39 -9.92
N GLN C 109 0.38 -12.07 -8.95
CA GLN C 109 1.68 -12.71 -9.16
C GLN C 109 1.53 -13.83 -10.16
N ASP C 110 2.60 -14.12 -10.90
CA ASP C 110 2.55 -15.15 -11.93
C ASP C 110 2.12 -16.50 -11.35
N LYS C 111 2.67 -16.86 -10.20
CA LYS C 111 2.36 -18.14 -9.55
C LYS C 111 0.87 -18.36 -9.35
N THR C 112 0.16 -17.28 -9.00
CA THR C 112 -1.27 -17.28 -8.71
C THR C 112 -2.08 -17.46 -9.99
N VAL C 113 -1.71 -16.71 -11.03
CA VAL C 113 -2.36 -16.83 -12.33
C VAL C 113 -2.38 -18.29 -12.76
N GLN C 114 -1.27 -18.96 -12.54
CA GLN C 114 -1.11 -20.35 -12.92
C GLN C 114 -1.97 -21.29 -12.08
N LYS C 115 -1.90 -21.13 -10.75
CA LYS C 115 -2.76 -21.89 -9.83
C LYS C 115 -4.23 -21.77 -10.24
N LEU C 116 -4.66 -20.55 -10.55
CA LEU C 116 -6.03 -20.25 -10.94
C LEU C 116 -6.34 -20.82 -12.32
N ALA C 117 -5.42 -20.66 -13.26
CA ALA C 117 -5.59 -21.18 -14.60
C ALA C 117 -5.86 -22.69 -14.57
N ASN C 118 -5.05 -23.39 -13.78
CA ASN C 118 -5.18 -24.82 -13.60
C ASN C 118 -6.52 -25.19 -12.99
N ALA C 119 -6.89 -24.52 -11.91
CA ALA C 119 -8.14 -24.80 -11.23
C ALA C 119 -9.35 -24.71 -12.18
N LEU C 120 -9.39 -23.66 -12.98
CA LEU C 120 -10.45 -23.40 -13.94
C LEU C 120 -10.24 -24.07 -15.28
N GLY C 121 -9.04 -24.60 -15.51
CA GLY C 121 -8.70 -25.26 -16.77
C GLY C 121 -8.80 -24.35 -17.97
N VAL C 122 -8.20 -23.17 -17.89
CA VAL C 122 -8.15 -22.20 -19.00
C VAL C 122 -6.73 -21.68 -19.07
N SER C 123 -6.38 -20.97 -20.15
CA SER C 123 -5.02 -20.41 -20.30
C SER C 123 -4.73 -19.27 -19.32
N PRO C 124 -3.43 -19.02 -19.02
CA PRO C 124 -2.98 -17.82 -18.34
C PRO C 124 -3.53 -16.56 -18.97
N LEU C 125 -3.51 -16.47 -20.31
CA LEU C 125 -4.03 -15.32 -21.06
C LEU C 125 -5.48 -15.03 -20.73
N GLU C 126 -6.30 -16.08 -20.68
CA GLU C 126 -7.69 -15.95 -20.28
C GLU C 126 -7.85 -15.34 -18.89
N VAL C 127 -7.22 -15.99 -17.89
CA VAL C 127 -7.19 -15.45 -16.53
C VAL C 127 -6.74 -13.98 -16.51
N ARG C 128 -5.57 -13.68 -17.07
CA ARG C 128 -5.09 -12.30 -17.12
C ARG C 128 -6.05 -11.37 -17.85
N ALA C 129 -6.57 -11.79 -19.00
CA ALA C 129 -7.50 -10.93 -19.75
C ALA C 129 -8.75 -10.61 -18.96
N ALA C 130 -9.24 -11.58 -18.20
CA ALA C 130 -10.41 -11.40 -17.36
C ALA C 130 -10.12 -10.39 -16.24
N PHE C 131 -9.07 -10.63 -15.49
CA PHE C 131 -8.62 -9.75 -14.44
C PHE C 131 -8.54 -8.29 -14.91
N GLU C 132 -7.90 -8.07 -16.05
CA GLU C 132 -7.68 -6.71 -16.61
C GLU C 132 -8.95 -5.98 -17.06
N ARG C 133 -10.11 -6.66 -17.05
CA ARG C 133 -11.37 -6.02 -17.42
C ARG C 133 -11.94 -5.12 -16.33
N ARG C 134 -11.31 -5.15 -15.16
CA ARG C 134 -11.58 -4.22 -14.07
C ARG C 134 -10.97 -2.85 -14.34
N TYR C 135 -10.28 -2.68 -15.48
CA TYR C 135 -9.77 -1.36 -15.86
C TYR C 135 -10.46 -0.77 -17.08
N GLU C 136 -10.15 0.48 -17.36
CA GLU C 136 -10.69 1.20 -18.50
C GLU C 136 -9.52 1.72 -19.33
N TYR C 137 -9.20 1.01 -20.41
CA TYR C 137 -8.08 1.38 -21.26
C TYR C 137 -8.48 2.39 -22.33
N MSE C 138 -7.51 2.87 -23.10
CA MSE C 138 -7.75 3.86 -24.16
C MSE C 138 -6.60 3.86 -25.17
O MSE C 138 -5.43 3.83 -24.80
CB MSE C 138 -7.91 5.26 -23.56
CG MSE C 138 -6.90 5.57 -22.49
SE MSE C 138 -7.64 6.79 -21.19
CE MSE C 138 -7.19 8.46 -22.07
N GLU C 139 -6.96 3.90 -26.46
CA GLU C 139 -5.98 3.91 -27.53
C GLU C 139 -6.39 4.88 -28.64
N ILE D 9 6.41 -5.71 -26.08
CA ILE D 9 6.60 -5.08 -24.74
C ILE D 9 6.32 -3.57 -24.83
N PRO D 10 5.04 -3.17 -24.71
CA PRO D 10 4.66 -1.76 -24.83
C PRO D 10 4.18 -1.13 -23.52
N VAL D 11 3.59 0.06 -23.63
CA VAL D 11 2.87 0.70 -22.53
C VAL D 11 1.38 0.83 -22.88
N THR D 12 0.49 0.67 -21.90
CA THR D 12 -0.95 0.95 -22.08
C THR D 12 -1.50 1.87 -21.00
N HIS D 13 -2.30 2.84 -21.44
CA HIS D 13 -2.85 3.88 -20.58
C HIS D 13 -4.26 3.54 -20.10
N ILE D 14 -4.49 3.65 -18.80
CA ILE D 14 -5.79 3.37 -18.18
C ILE D 14 -6.43 4.60 -17.52
N LYS D 15 -7.74 4.71 -17.65
CA LYS D 15 -8.50 5.79 -17.03
C LYS D 15 -8.73 5.45 -15.57
N CYS D 16 -8.39 6.37 -14.67
CA CYS D 16 -8.63 6.19 -13.23
C CYS D 16 -9.42 7.36 -12.64
N LEU D 17 -10.16 7.06 -11.57
CA LEU D 17 -10.93 8.05 -10.85
C LEU D 17 -10.13 8.59 -9.67
N ARG D 18 -9.90 9.91 -9.66
CA ARG D 18 -9.36 10.59 -8.49
C ARG D 18 -10.49 11.35 -7.78
N ILE D 19 -10.78 10.94 -6.56
CA ILE D 19 -11.90 11.47 -5.81
C ILE D 19 -11.46 11.88 -4.40
N ASN D 20 -11.09 13.15 -4.27
CA ASN D 20 -10.70 13.75 -2.99
C ASN D 20 -9.55 13.02 -2.29
N GLY D 21 -8.35 13.15 -2.87
CA GLY D 21 -7.12 12.61 -2.30
C GLY D 21 -7.04 11.10 -2.26
N GLN D 22 -7.74 10.45 -3.19
CA GLN D 22 -7.83 9.00 -3.21
C GLN D 22 -8.01 8.54 -4.66
N ILE D 23 -7.24 7.55 -5.08
CA ILE D 23 -7.35 7.04 -6.46
C ILE D 23 -8.04 5.68 -6.51
N LYS D 24 -9.02 5.58 -7.42
CA LYS D 24 -9.79 4.37 -7.62
C LYS D 24 -9.63 3.96 -9.09
N CYS D 25 -8.87 2.90 -9.34
CA CYS D 25 -8.56 2.47 -10.70
C CYS D 25 -9.37 1.24 -11.05
N VAL D 26 -9.56 0.41 -10.05
CA VAL D 26 -10.20 -0.87 -10.18
C VAL D 26 -11.70 -0.66 -10.13
N LYS D 27 -12.41 -1.16 -11.14
CA LYS D 27 -13.88 -1.16 -11.09
C LYS D 27 -14.47 -2.56 -10.85
N PRO D 28 -14.83 -2.87 -9.59
CA PRO D 28 -15.43 -4.17 -9.28
C PRO D 28 -16.93 -4.15 -9.55
N ILE D 29 -17.34 -4.84 -10.62
CA ILE D 29 -18.75 -4.87 -11.06
C ILE D 29 -19.73 -5.40 -10.01
N SER D 30 -20.97 -4.91 -10.07
CA SER D 30 -21.91 -5.05 -8.97
C SER D 30 -23.39 -5.35 -9.35
N PRO D 31 -23.65 -6.53 -9.96
CA PRO D 31 -24.96 -7.17 -9.75
C PRO D 31 -24.82 -8.25 -8.66
N ASN D 32 -25.29 -7.94 -7.47
CA ASN D 32 -24.89 -8.68 -6.27
C ASN D 32 -25.79 -9.83 -5.80
N THR D 33 -26.79 -10.17 -6.60
CA THR D 33 -27.57 -11.37 -6.32
C THR D 33 -26.93 -12.55 -7.07
N THR D 34 -26.07 -13.29 -6.37
CA THR D 34 -25.54 -14.55 -6.88
C THR D 34 -26.31 -15.71 -6.23
N PRO D 35 -26.43 -16.86 -6.93
CA PRO D 35 -27.25 -18.01 -6.49
C PRO D 35 -26.96 -18.53 -5.06
N ALA D 36 -25.69 -18.66 -4.70
CA ALA D 36 -25.31 -19.07 -3.35
C ALA D 36 -25.82 -18.07 -2.31
N ALA D 37 -25.61 -16.77 -2.59
CA ALA D 37 -26.09 -15.71 -1.72
C ALA D 37 -27.60 -15.73 -1.69
N GLU D 38 -28.22 -15.79 -2.87
CA GLU D 38 -29.68 -15.91 -3.02
C GLU D 38 -30.25 -17.04 -2.16
N HIS D 39 -29.57 -18.18 -2.15
CA HIS D 39 -30.03 -19.40 -1.47
C HIS D 39 -30.09 -19.27 0.05
N ILE D 40 -28.96 -18.90 0.67
CA ILE D 40 -28.87 -18.68 2.12
C ILE D 40 -29.88 -17.62 2.58
N GLU D 41 -30.01 -16.56 1.80
CA GLU D 41 -31.00 -15.53 2.06
C GLU D 41 -32.41 -16.14 2.20
N HIS D 42 -32.79 -16.97 1.24
CA HIS D 42 -34.11 -17.62 1.28
C HIS D 42 -34.23 -18.60 2.44
N VAL D 43 -33.17 -19.33 2.72
CA VAL D 43 -33.10 -20.23 3.88
C VAL D 43 -33.32 -19.48 5.20
N ARG D 44 -32.68 -18.32 5.33
CA ARG D 44 -32.78 -17.49 6.54
C ARG D 44 -34.10 -16.72 6.65
N LYS D 45 -34.93 -16.80 5.61
CA LYS D 45 -36.23 -16.15 5.60
C LYS D 45 -37.23 -16.88 6.51
N ASN D 46 -36.97 -18.17 6.75
CA ASN D 46 -37.66 -18.93 7.78
C ASN D 46 -37.00 -18.66 9.12
N PRO D 47 -37.77 -18.18 10.12
CA PRO D 47 -37.20 -17.83 11.43
C PRO D 47 -36.72 -19.05 12.19
N ARG D 48 -37.31 -20.20 11.89
CA ARG D 48 -36.98 -21.45 12.57
C ARG D 48 -35.65 -21.98 12.07
N ARG D 49 -35.41 -21.85 10.77
CA ARG D 49 -34.13 -22.18 10.17
C ARG D 49 -33.06 -21.20 10.62
N LYS D 50 -33.40 -19.91 10.60
CA LYS D 50 -32.45 -18.86 10.94
C LYS D 50 -31.85 -19.15 12.31
N ALA D 51 -32.73 -19.44 13.27
CA ALA D 51 -32.33 -19.77 14.63
C ALA D 51 -31.36 -20.97 14.67
N ALA D 52 -31.75 -22.06 14.03
CA ALA D 52 -30.91 -23.25 14.01
C ALA D 52 -29.48 -22.88 13.59
N MSE D 53 -29.36 -22.12 12.52
CA MSE D 53 -28.07 -21.62 12.03
C MSE D 53 -27.39 -20.71 13.05
O MSE D 53 -26.20 -20.87 13.33
CB MSE D 53 -28.25 -20.86 10.72
CG MSE D 53 -28.39 -21.73 9.48
SE MSE D 53 -28.25 -20.70 7.81
CE MSE D 53 -26.45 -19.99 7.98
N ASP D 54 -28.15 -19.77 13.60
CA ASP D 54 -27.64 -18.82 14.59
C ASP D 54 -27.01 -19.53 15.79
N ARG D 55 -27.68 -20.55 16.32
CA ARG D 55 -27.18 -21.31 17.48
C ARG D 55 -25.87 -22.01 17.14
N ALA D 56 -25.79 -22.52 15.90
CA ALA D 56 -24.57 -23.13 15.40
C ALA D 56 -23.45 -22.09 15.30
N ALA D 57 -23.78 -20.91 14.75
CA ALA D 57 -22.82 -19.81 14.62
C ALA D 57 -22.23 -19.43 15.96
N ALA D 58 -23.09 -19.36 16.98
CA ALA D 58 -22.68 -18.95 18.32
C ALA D 58 -21.69 -19.96 18.91
N ARG D 59 -22.03 -21.24 18.80
CA ARG D 59 -21.19 -22.33 19.29
C ARG D 59 -19.82 -22.26 18.64
N ILE D 60 -19.80 -22.00 17.33
CA ILE D 60 -18.54 -21.90 16.58
C ILE D 60 -17.78 -20.66 17.00
N ALA D 61 -18.52 -19.57 17.26
CA ALA D 61 -17.92 -18.31 17.73
C ALA D 61 -17.16 -18.48 19.06
N ASP D 62 -17.65 -19.37 19.91
CA ASP D 62 -16.97 -19.68 21.17
C ASP D 62 -15.60 -20.30 20.93
N LYS D 63 -15.58 -21.29 20.05
CA LYS D 63 -14.36 -21.94 19.64
C LYS D 63 -13.38 -20.93 19.03
N ILE D 64 -13.92 -19.93 18.34
CA ILE D 64 -13.11 -18.84 17.76
C ILE D 64 -12.49 -17.96 18.84
N ALA D 65 -13.31 -17.55 19.81
CA ALA D 65 -12.87 -16.62 20.87
C ALA D 65 -11.77 -17.22 21.76
N LEU D 66 -11.98 -18.47 22.17
CA LEU D 66 -11.02 -19.22 22.99
C LEU D 66 -9.71 -19.48 22.24
N LYS D 67 -9.83 -19.89 20.98
CA LYS D 67 -8.66 -20.14 20.14
C LYS D 67 -7.83 -18.87 19.92
N ALA D 68 -8.51 -17.72 19.84
CA ALA D 68 -7.88 -16.51 19.31
C ALA D 68 -7.45 -15.49 20.37
N GLY D 69 -7.77 -15.75 21.64
CA GLY D 69 -7.40 -14.86 22.73
C GLY D 69 -8.58 -14.17 23.37
N GLY D 70 -9.64 -13.96 22.61
CA GLY D 70 -10.85 -13.28 23.07
C GLY D 70 -11.73 -13.00 21.86
N GLU D 71 -12.75 -12.15 22.03
CA GLU D 71 -13.66 -11.82 20.93
C GLU D 71 -12.93 -11.19 19.75
N THR D 72 -13.06 -11.83 18.59
CA THR D 72 -12.55 -11.27 17.34
C THR D 72 -13.72 -10.60 16.65
N PHE D 73 -13.44 -9.90 15.54
CA PHE D 73 -14.50 -9.22 14.83
C PHE D 73 -15.49 -10.20 14.23
N VAL D 74 -14.99 -11.32 13.70
CA VAL D 74 -15.84 -12.38 13.15
C VAL D 74 -16.65 -13.00 14.27
N SER D 75 -15.97 -13.36 15.34
CA SER D 75 -16.59 -13.95 16.52
C SER D 75 -17.84 -13.16 16.93
N LEU D 76 -17.65 -11.85 17.12
CA LEU D 76 -18.71 -10.95 17.53
C LEU D 76 -19.87 -10.92 16.54
N ARG D 77 -19.54 -10.82 15.27
CA ARG D 77 -20.54 -10.84 14.21
C ARG D 77 -21.41 -12.09 14.30
N MSE D 78 -20.77 -13.24 14.54
CA MSE D 78 -21.45 -14.52 14.62
C MSE D 78 -22.39 -14.64 15.83
O MSE D 78 -23.49 -15.16 15.70
CB MSE D 78 -20.42 -15.65 14.64
CG MSE D 78 -19.36 -15.54 13.55
SE MSE D 78 -18.64 -17.20 12.81
CE MSE D 78 -20.03 -17.52 11.47
N LYS D 79 -21.97 -14.13 16.98
CA LYS D 79 -22.78 -14.20 18.20
C LYS D 79 -24.06 -13.36 18.11
N LYS D 80 -24.02 -12.30 17.31
CA LYS D 80 -25.19 -11.45 17.09
C LYS D 80 -26.10 -12.00 15.97
N GLY D 81 -25.70 -13.11 15.35
CA GLY D 81 -26.51 -13.75 14.31
C GLY D 81 -26.52 -13.07 12.95
N PHE D 82 -25.39 -12.45 12.58
CA PHE D 82 -25.23 -11.84 11.25
C PHE D 82 -24.27 -12.64 10.37
N THR D 83 -24.76 -13.14 9.26
CA THR D 83 -23.87 -13.59 8.20
C THR D 83 -23.17 -12.33 7.71
N GLN D 84 -21.96 -12.50 7.19
CA GLN D 84 -21.22 -11.42 6.56
C GLN D 84 -22.10 -10.61 5.60
N SER D 85 -22.91 -11.30 4.79
CA SER D 85 -23.82 -10.62 3.87
C SER D 85 -24.81 -9.72 4.59
N GLU D 86 -25.42 -10.25 5.66
CA GLU D 86 -26.42 -9.55 6.46
C GLU D 86 -25.83 -8.32 7.14
N LEU D 87 -24.69 -8.50 7.79
CA LEU D 87 -23.99 -7.38 8.44
C LEU D 87 -23.57 -6.29 7.44
N ALA D 88 -23.05 -6.69 6.28
CA ALA D 88 -22.67 -5.73 5.22
C ALA D 88 -23.85 -4.86 4.78
N THR D 89 -25.02 -5.50 4.66
CA THR D 89 -26.25 -4.81 4.29
C THR D 89 -26.73 -3.87 5.43
N ALA D 90 -26.76 -4.38 6.65
CA ALA D 90 -27.11 -3.62 7.83
C ALA D 90 -26.22 -2.38 8.07
N ALA D 91 -24.95 -2.46 7.72
CA ALA D 91 -23.99 -1.39 8.05
C ALA D 91 -23.67 -0.45 6.86
N GLY D 92 -24.40 -0.63 5.76
CA GLY D 92 -24.24 0.21 4.58
C GLY D 92 -22.87 0.07 3.96
N LEU D 93 -22.33 -1.15 4.03
CA LEU D 93 -21.01 -1.45 3.51
C LEU D 93 -21.07 -2.49 2.38
N PRO D 94 -20.03 -2.51 1.54
CA PRO D 94 -19.89 -3.55 0.53
C PRO D 94 -19.26 -4.80 1.16
N GLN D 95 -19.74 -5.98 0.77
CA GLN D 95 -19.33 -7.25 1.35
C GLN D 95 -17.86 -7.59 1.14
N PRO D 96 -17.33 -7.29 -0.05
CA PRO D 96 -15.88 -7.37 -0.22
C PRO D 96 -15.09 -6.56 0.81
N TYR D 97 -15.51 -5.32 1.05
CA TYR D 97 -14.87 -4.49 2.07
C TYR D 97 -15.01 -5.09 3.48
N LEU D 98 -16.19 -5.65 3.76
CA LEU D 98 -16.43 -6.29 5.04
C LEU D 98 -15.54 -7.50 5.24
N SER D 99 -15.40 -8.32 4.19
CA SER D 99 -14.48 -9.46 4.22
C SER D 99 -13.03 -9.04 4.55
N ARG D 100 -12.61 -7.90 4.00
CA ARG D 100 -11.30 -7.39 4.29
C ARG D 100 -11.21 -6.93 5.75
N ILE D 101 -12.30 -6.36 6.27
CA ILE D 101 -12.35 -5.94 7.68
C ILE D 101 -12.19 -7.15 8.62
N GLU D 102 -12.78 -8.29 8.24
CA GLU D 102 -12.71 -9.49 9.07
C GLU D 102 -11.38 -10.21 8.99
N ASN D 103 -10.66 -10.05 7.87
CA ASN D 103 -9.52 -10.92 7.54
C ASN D 103 -8.18 -10.25 7.29
N SER D 104 -8.21 -9.16 6.52
CA SER D 104 -7.00 -8.58 5.95
C SER D 104 -6.59 -7.28 6.65
N LYS D 105 -7.54 -6.39 6.90
CA LYS D 105 -7.30 -4.99 7.29
C LYS D 105 -6.52 -4.74 8.58
N GLN D 106 -5.76 -3.66 8.58
CA GLN D 106 -4.94 -3.26 9.72
C GLN D 106 -5.60 -2.23 10.66
N SER D 107 -6.48 -1.39 10.12
CA SER D 107 -7.28 -0.47 10.94
C SER D 107 -8.67 -0.18 10.37
N LEU D 108 -9.50 0.49 11.18
CA LEU D 108 -10.81 0.97 10.77
C LEU D 108 -10.90 2.48 10.94
N GLN D 109 -11.46 3.16 9.95
CA GLN D 109 -11.80 4.58 10.09
C GLN D 109 -12.91 4.72 11.14
N ASP D 110 -12.96 5.87 11.79
CA ASP D 110 -13.93 6.07 12.86
C ASP D 110 -15.35 5.89 12.34
N LYS D 111 -15.61 6.44 11.16
CA LYS D 111 -16.96 6.38 10.56
C LYS D 111 -17.46 4.95 10.41
N THR D 112 -16.56 4.04 10.05
CA THR D 112 -16.86 2.61 9.88
C THR D 112 -17.19 1.91 11.20
N VAL D 113 -16.36 2.13 12.22
CA VAL D 113 -16.58 1.59 13.55
C VAL D 113 -17.98 1.93 14.02
N GLN D 114 -18.42 3.13 13.69
CA GLN D 114 -19.73 3.61 14.13
C GLN D 114 -20.83 2.92 13.33
N LYS D 115 -20.69 2.91 12.00
CA LYS D 115 -21.63 2.20 11.13
C LYS D 115 -21.81 0.75 11.62
N LEU D 116 -20.68 0.12 11.99
CA LEU D 116 -20.67 -1.26 12.40
C LEU D 116 -21.26 -1.45 13.79
N ALA D 117 -20.93 -0.52 14.69
CA ALA D 117 -21.44 -0.56 16.06
C ALA D 117 -22.95 -0.47 16.06
N ASN D 118 -23.48 0.41 15.22
CA ASN D 118 -24.93 0.59 15.09
C ASN D 118 -25.62 -0.65 14.54
N ALA D 119 -25.00 -1.24 13.51
CA ALA D 119 -25.55 -2.43 12.86
C ALA D 119 -25.73 -3.59 13.85
N LEU D 120 -24.70 -3.76 14.68
CA LEU D 120 -24.63 -4.83 15.66
C LEU D 120 -25.22 -4.43 17.00
N GLY D 121 -25.47 -3.13 17.17
CA GLY D 121 -25.98 -2.60 18.43
C GLY D 121 -25.07 -2.86 19.64
N VAL D 122 -23.80 -2.54 19.48
CA VAL D 122 -22.81 -2.63 20.56
C VAL D 122 -21.98 -1.35 20.57
N SER D 123 -21.18 -1.12 21.60
CA SER D 123 -20.37 0.10 21.68
C SER D 123 -19.22 0.09 20.67
N PRO D 124 -18.71 1.30 20.31
CA PRO D 124 -17.47 1.45 19.56
C PRO D 124 -16.31 0.72 20.20
N LEU D 125 -16.20 0.78 21.53
CA LEU D 125 -15.16 0.06 22.26
C LEU D 125 -15.21 -1.43 22.00
N GLU D 126 -16.40 -2.01 22.01
CA GLU D 126 -16.56 -3.43 21.71
C GLU D 126 -16.05 -3.76 20.31
N VAL D 127 -16.57 -3.06 19.31
CA VAL D 127 -16.08 -3.19 17.93
C VAL D 127 -14.54 -3.07 17.87
N ARG D 128 -14.00 -1.99 18.42
CA ARG D 128 -12.56 -1.79 18.36
C ARG D 128 -11.81 -2.89 19.08
N ALA D 129 -12.27 -3.25 20.27
CA ALA D 129 -11.60 -4.30 21.07
C ALA D 129 -11.55 -5.63 20.31
N ALA D 130 -12.63 -5.94 19.59
CA ALA D 130 -12.74 -7.15 18.82
C ALA D 130 -11.74 -7.15 17.67
N PHE D 131 -11.78 -6.09 16.88
CA PHE D 131 -10.86 -5.89 15.78
C PHE D 131 -9.41 -6.09 16.22
N GLU D 132 -9.03 -5.44 17.33
CA GLU D 132 -7.65 -5.49 17.87
C GLU D 132 -7.18 -6.86 18.38
N ARG D 133 -8.08 -7.86 18.38
CA ARG D 133 -7.73 -9.22 18.81
C ARG D 133 -7.01 -9.99 17.70
N ARG D 134 -6.92 -9.39 16.51
CA ARG D 134 -6.11 -9.91 15.42
C ARG D 134 -4.62 -9.61 15.65
N TYR D 135 -4.29 -8.94 16.74
CA TYR D 135 -2.88 -8.72 17.06
C TYR D 135 -2.41 -9.46 18.32
N GLU D 136 -1.10 -9.42 18.53
CA GLU D 136 -0.46 -10.03 19.69
C GLU D 136 0.31 -8.96 20.43
N TYR D 137 -0.26 -8.45 21.52
CA TYR D 137 0.37 -7.39 22.31
C TYR D 137 1.30 -7.97 23.37
N MSE D 138 1.98 -7.08 24.09
CA MSE D 138 2.93 -7.48 25.15
C MSE D 138 3.20 -6.33 26.12
O MSE D 138 3.46 -5.21 25.68
CB MSE D 138 4.24 -7.97 24.53
CG MSE D 138 4.72 -7.10 23.37
SE MSE D 138 5.78 -8.04 22.02
CE MSE D 138 7.51 -7.97 22.92
N ASN E . 10.08 -1.85 17.13
CA ASN E . 10.30 -0.39 16.90
C ASN E . 10.21 0.40 18.22
O ASN E . 10.99 0.17 19.14
CB ASN E . 9.32 0.14 15.86
CG ASN E . 9.73 1.49 15.27
OD1 ASN E . 10.42 2.28 15.92
ND2 ASN E . 9.31 1.74 14.04
OXT ASN E . 9.37 1.28 18.40
CL CL F . 14.80 29.95 3.89
CL CL G . 17.84 22.95 -4.60
CL CL H . -7.96 23.90 -1.35
CL CL I . -12.92 10.98 -20.95
CL CL J . 5.21 7.12 -1.00
UNK UNX K . -1.47 1.77 -5.74
UNK UNX L . 0.65 2.13 -5.74
UNK UNX M . -0.46 2.26 -6.30
UNK UNX N . -0.52 3.00 -7.63
UNK UNX O . -1.88 2.87 -8.30
UNK UNX P . -2.92 3.82 -7.71
UNK UNX Q . -4.13 3.04 -7.17
UNK UNX R . -4.64 3.62 -5.86
UNK UNX S . -4.91 2.56 -4.78
UNK UNX T . -3.64 2.24 -3.97
UNK UNX U . -3.41 3.23 -2.83
N ASN V . 1.73 7.56 -15.54
CA ASN V . 2.37 8.64 -16.33
C ASN V . 1.53 8.92 -17.58
O ASN V . 1.79 8.42 -18.67
CB ASN V . 3.82 8.28 -16.72
CG ASN V . 4.74 8.00 -15.51
OD1 ASN V . 5.81 7.39 -15.64
ND2 ASN V . 4.33 8.43 -14.32
OXT ASN V . 0.53 9.64 -17.52
CL CL W . -5.30 8.88 -24.79
CL CL X . 26.93 12.57 2.52
N ASN Y . 2.86 -12.54 15.26
CA ASN Y . 2.09 -13.44 14.37
C ASN Y . 2.69 -14.84 14.32
O ASN Y . 2.54 -15.61 15.26
CB ASN Y . 2.00 -12.83 12.96
CG ASN Y . 0.96 -13.51 12.07
OD1 ASN Y . 1.09 -14.68 11.69
ND2 ASN Y . -0.06 -12.77 11.71
OXT ASN Y . 3.33 -15.26 13.35
UNK UNX Z . 2.50 -1.46 6.21
UNK UNX AA . 3.82 -0.45 7.60
UNK UNX BA . 3.11 -1.44 7.30
UNK UNX CA . 2.99 -2.61 8.27
UNK UNX DA . 3.44 -3.87 7.55
UNK UNX EA . 2.25 -4.80 7.26
UNK UNX FA . 2.16 -5.20 5.79
UNK UNX GA . 1.24 -4.26 5.01
UNK UNX HA . 2.04 -3.24 4.19
UNK UNX IA . 1.11 -2.30 3.42
UNK UNX JA . 1.64 -0.88 3.48
CL CL KA . -22.37 -18.07 -6.67
CL CL LA . -0.83 -14.39 -20.72
CL CL MA . -22.73 -17.55 9.09
CL CL NA . -16.92 -27.87 -8.68
CL CL OA . -6.30 -5.85 -1.89
CL CL PA . -2.88 -5.99 -5.79
N ASN QA . -12.38 4.22 -11.29
CA ASN QA . -13.55 3.66 -12.03
C ASN QA . -13.67 4.39 -13.37
O ASN QA . -12.96 4.09 -14.32
CB ASN QA . -14.87 3.75 -11.21
CG ASN QA . -14.80 2.99 -9.85
OD1 ASN QA . -15.50 3.35 -8.88
ND2 ASN QA . -13.97 1.97 -9.78
OXT ASN QA . -14.46 5.33 -13.52
#